data_3CGX
#
_entry.id   3CGX
#
_cell.length_a   56.520
_cell.length_b   66.940
_cell.length_c   71.670
_cell.angle_alpha   90.000
_cell.angle_beta   90.000
_cell.angle_gamma   90.000
#
_symmetry.space_group_name_H-M   'P 21 21 21'
#
loop_
_entity.id
_entity.type
_entity.pdbx_description
1 polymer 'Putative nucleotide-diphospho-sugar transferase'
2 non-polymer IMIDAZOLE
3 water water
#
_entity_poly.entity_id   1
_entity_poly.type   'polypeptide(L)'
_entity_poly.pdbx_seq_one_letter_code
;G(MSE)SESCILFFVKYPEPGKVKTRLGEVVGNDKAA(MSE)LYRHFVQD(MSE)LQGLARLHADLHICYVPGDADLPEK
FKAWLGPQH(MSE)FAAQQGLDLGER(MSE)KHA(MSE)QKAFDDGYDRVVL(MSE)GSDIPDYPCELVQKALNDLQHYD
AAIGPAFDGGYYLIGFRKDSFCPDVFDGIRWGEADVYQPTVEK(MSE)RRARLEVLQLPDWNDVDTVWDLNVLYRTNKNS
SFRRSSTYALLRENDALIRQYDIDLPG(MSE)APVEKE
;
_entity_poly.pdbx_strand_id   A
#
# COMPACT_ATOMS: atom_id res chain seq x y z
N SER A 3 18.64 9.20 1.44
CA SER A 3 17.67 10.20 1.79
C SER A 3 17.41 10.22 3.32
N GLU A 4 16.82 11.29 3.86
CA GLU A 4 16.34 11.29 5.24
C GLU A 4 15.05 10.51 5.40
N SER A 5 14.38 10.29 4.27
CA SER A 5 13.05 9.67 4.22
C SER A 5 13.09 8.36 3.49
N CYS A 6 12.28 7.43 3.94
CA CYS A 6 12.15 6.15 3.27
C CYS A 6 10.68 5.74 3.13
N ILE A 7 10.36 5.18 1.97
CA ILE A 7 9.02 4.61 1.69
C ILE A 7 9.15 3.10 1.63
N LEU A 8 8.42 2.42 2.50
CA LEU A 8 8.34 0.97 2.49
C LEU A 8 7.03 0.58 1.80
N PHE A 9 7.19 -0.11 0.68
CA PHE A 9 6.09 -0.44 -0.24
C PHE A 9 5.83 -1.95 -0.22
N PHE A 10 4.72 -2.33 0.38
CA PHE A 10 4.36 -3.72 0.62
C PHE A 10 3.57 -4.28 -0.54
N VAL A 11 4.14 -5.34 -1.13
CA VAL A 11 3.67 -6.00 -2.35
C VAL A 11 3.74 -7.54 -2.21
N LYS A 12 3.04 -8.21 -3.09
CA LYS A 12 3.16 -9.65 -3.32
C LYS A 12 3.39 -9.93 -4.83
N TYR A 13 4.20 -10.94 -5.13
CA TYR A 13 4.43 -11.29 -6.54
C TYR A 13 3.06 -11.66 -7.12
N PRO A 14 2.68 -11.04 -8.27
CA PRO A 14 1.32 -11.20 -8.87
C PRO A 14 1.11 -12.50 -9.64
N GLU A 15 1.21 -13.61 -8.93
CA GLU A 15 0.98 -14.93 -9.52
C GLU A 15 -0.50 -15.28 -9.52
N PRO A 16 -1.04 -15.72 -10.68
CA PRO A 16 -2.47 -16.09 -10.66
C PRO A 16 -2.81 -17.12 -9.60
N GLY A 17 -3.89 -16.83 -8.89
CA GLY A 17 -4.36 -17.67 -7.81
C GLY A 17 -3.75 -17.36 -6.46
N LYS A 18 -2.73 -16.52 -6.44
CA LYS A 18 -2.06 -16.16 -5.18
C LYS A 18 -2.35 -14.72 -4.77
N VAL A 19 -2.98 -13.95 -5.66
CA VAL A 19 -3.33 -12.57 -5.34
C VAL A 19 -4.76 -12.26 -5.84
N LYS A 20 -5.43 -11.38 -5.13
CA LYS A 20 -6.76 -10.89 -5.57
C LYS A 20 -7.71 -12.00 -5.94
N THR A 21 -7.76 -13.02 -5.09
CA THR A 21 -8.62 -14.16 -5.39
C THR A 21 -10.12 -13.86 -5.32
N ARG A 22 -10.51 -12.95 -4.46
CA ARG A 22 -11.90 -12.54 -4.39
C ARG A 22 -12.37 -11.80 -5.71
N LEU A 23 -11.51 -10.93 -6.22
CA LEU A 23 -11.73 -10.31 -7.53
C LEU A 23 -11.71 -11.41 -8.61
N GLY A 24 -10.77 -12.36 -8.51
CA GLY A 24 -10.67 -13.49 -9.45
C GLY A 24 -11.90 -14.38 -9.58
N GLU A 25 -12.69 -14.47 -8.51
CA GLU A 25 -13.94 -15.28 -8.51
C GLU A 25 -14.90 -14.77 -9.56
N VAL A 26 -14.77 -13.50 -9.87
CA VAL A 26 -15.63 -12.84 -10.87
C VAL A 26 -14.95 -12.65 -12.22
N VAL A 27 -13.74 -12.11 -12.24
CA VAL A 27 -13.10 -11.77 -13.50
C VAL A 27 -12.11 -12.82 -13.99
N GLY A 28 -11.84 -13.80 -13.15
CA GLY A 28 -10.86 -14.84 -13.47
C GLY A 28 -9.53 -14.57 -12.77
N ASN A 29 -8.88 -15.63 -12.32
CA ASN A 29 -7.62 -15.44 -11.58
C ASN A 29 -6.53 -14.79 -12.38
N ASP A 30 -6.42 -15.12 -13.67
CA ASP A 30 -5.35 -14.50 -14.48
C ASP A 30 -5.54 -12.99 -14.60
N LYS A 31 -6.77 -12.56 -14.88
CA LYS A 31 -7.06 -11.13 -15.03
C LYS A 31 -6.91 -10.36 -13.71
N ALA A 32 -7.33 -10.99 -12.60
CA ALA A 32 -7.23 -10.36 -11.27
C ALA A 32 -5.76 -10.12 -10.98
N ALA A 33 -4.91 -11.10 -11.30
CA ALA A 33 -3.46 -10.96 -11.08
C ALA A 33 -2.81 -9.95 -12.04
N LEU A 35 -4.34 -7.30 -13.28
CA LEU A 35 -4.77 -5.99 -12.74
C LEU A 35 -3.87 -5.57 -11.57
N TYR A 36 -3.64 -6.50 -10.65
CA TYR A 36 -2.81 -6.21 -9.48
C TYR A 36 -1.37 -5.91 -9.92
N ARG A 37 -0.89 -6.65 -10.90
CA ARG A 37 0.46 -6.41 -11.46
C ARG A 37 0.57 -4.95 -11.89
N HIS A 38 -0.46 -4.48 -12.58
CA HIS A 38 -0.49 -3.10 -13.03
C HIS A 38 -0.69 -2.07 -11.90
N PHE A 39 -1.40 -2.46 -10.85
CA PHE A 39 -1.57 -1.56 -9.69
C PHE A 39 -0.16 -1.24 -9.20
N VAL A 40 0.65 -2.29 -9.07
CA VAL A 40 1.98 -2.16 -8.50
C VAL A 40 2.92 -1.33 -9.39
N GLN A 41 2.94 -1.69 -10.66
CA GLN A 41 3.71 -0.90 -11.64
C GLN A 41 3.38 0.56 -11.65
N ASP A 42 2.10 0.87 -11.68
CA ASP A 42 1.69 2.25 -11.71
C ASP A 42 2.08 2.99 -10.45
N LEU A 44 4.51 2.30 -8.36
CA LEU A 44 5.99 2.39 -8.36
C LEU A 44 6.49 3.55 -9.20
N GLN A 45 5.89 3.73 -10.37
CA GLN A 45 6.24 4.83 -11.24
C GLN A 45 6.06 6.17 -10.53
N GLY A 46 4.96 6.30 -9.83
CA GLY A 46 4.67 7.47 -9.01
C GLY A 46 5.59 7.64 -7.79
N LEU A 47 5.79 6.56 -7.03
CA LEU A 47 6.66 6.59 -5.84
C LEU A 47 8.15 6.80 -6.15
N ALA A 48 8.63 6.14 -7.21
CA ALA A 48 10.05 6.18 -7.63
C ALA A 48 10.48 7.59 -8.01
N ARG A 49 9.53 8.48 -8.16
CA ARG A 49 9.86 9.87 -8.47
C ARG A 49 9.91 10.79 -7.24
N LEU A 50 9.59 10.31 -6.04
CA LEU A 50 9.52 11.19 -4.83
C LEU A 50 10.85 11.52 -4.17
N HIS A 51 10.82 12.36 -3.15
CA HIS A 51 12.02 12.81 -2.37
C HIS A 51 12.19 11.88 -1.18
N ALA A 52 12.47 10.63 -1.50
CA ALA A 52 12.54 9.58 -0.52
C ALA A 52 13.10 8.33 -1.20
N ASP A 53 13.87 7.54 -0.45
CA ASP A 53 14.32 6.24 -0.91
C ASP A 53 13.13 5.29 -0.83
N LEU A 54 13.16 4.29 -1.70
CA LEU A 54 12.07 3.32 -1.75
C LEU A 54 12.56 1.89 -1.59
N HIS A 55 11.94 1.19 -0.64
CA HIS A 55 12.23 -0.23 -0.40
C HIS A 55 10.99 -1.03 -0.68
N ILE A 56 11.11 -1.93 -1.65
CA ILE A 56 10.02 -2.76 -2.04
C ILE A 56 10.06 -4.05 -1.21
N CYS A 57 9.06 -4.20 -0.36
CA CYS A 57 9.02 -5.30 0.64
C CYS A 57 7.94 -6.30 0.28
N TYR A 58 8.38 -7.50 -0.13
CA TYR A 58 7.51 -8.51 -0.65
C TYR A 58 7.18 -9.68 0.29
N VAL A 59 5.95 -10.13 0.13
CA VAL A 59 5.46 -11.24 0.88
C VAL A 59 6.41 -12.41 0.60
N PRO A 60 6.88 -13.06 1.68
CA PRO A 60 7.83 -14.13 1.50
C PRO A 60 7.24 -15.33 0.81
N GLY A 61 8.08 -16.01 0.05
CA GLY A 61 7.68 -17.21 -0.65
C GLY A 61 8.81 -18.08 -1.13
N ASP A 62 8.70 -18.49 -2.38
CA ASP A 62 9.72 -19.40 -2.97
C ASP A 62 11.10 -18.73 -3.13
N ALA A 63 12.13 -19.55 -3.22
CA ALA A 63 13.51 -19.04 -3.29
C ALA A 63 13.82 -18.28 -4.61
N ASP A 64 12.93 -18.39 -5.57
CA ASP A 64 13.10 -17.71 -6.87
C ASP A 64 12.58 -16.29 -6.92
N LEU A 65 12.05 -15.79 -5.81
CA LEU A 65 11.45 -14.47 -5.83
C LEU A 65 12.40 -13.30 -6.11
N PRO A 66 13.61 -13.29 -5.54
CA PRO A 66 14.47 -12.12 -5.77
C PRO A 66 14.70 -11.78 -7.27
N GLU A 67 15.03 -12.77 -8.06
CA GLU A 67 15.27 -12.51 -9.47
C GLU A 67 13.93 -12.32 -10.21
N LYS A 68 12.87 -12.89 -9.68
CA LYS A 68 11.53 -12.70 -10.30
C LYS A 68 11.12 -11.23 -10.17
N PHE A 69 11.41 -10.67 -9.01
CA PHE A 69 11.15 -9.26 -8.74
C PHE A 69 12.01 -8.34 -9.59
N LYS A 70 13.29 -8.67 -9.73
CA LYS A 70 14.21 -7.87 -10.56
C LYS A 70 13.74 -7.90 -12.03
N ALA A 71 13.36 -9.08 -12.50
CA ALA A 71 12.93 -9.23 -13.88
C ALA A 71 11.64 -8.49 -14.17
N TRP A 72 10.84 -8.33 -13.14
CA TRP A 72 9.51 -7.68 -13.28
C TRP A 72 9.61 -6.15 -13.18
N LEU A 73 10.07 -5.68 -12.03
CA LEU A 73 10.16 -4.24 -11.71
C LEU A 73 11.52 -3.59 -12.00
N GLY A 74 12.54 -4.38 -12.26
CA GLY A 74 13.85 -3.83 -12.63
C GLY A 74 14.92 -4.10 -11.62
N PRO A 75 16.15 -4.28 -12.10
CA PRO A 75 17.23 -4.63 -11.21
C PRO A 75 17.79 -3.46 -10.39
N GLN A 76 17.33 -2.25 -10.64
CA GLN A 76 17.93 -1.08 -10.00
C GLN A 76 17.26 -0.78 -8.67
N HIS A 77 16.12 -1.41 -8.43
CA HIS A 77 15.32 -1.14 -7.19
C HIS A 77 15.80 -2.01 -6.04
N PHE A 79 14.91 -4.38 -3.09
CA PHE A 79 13.88 -5.35 -2.74
C PHE A 79 14.32 -6.05 -1.46
N ALA A 80 13.35 -6.38 -0.61
CA ALA A 80 13.57 -7.17 0.61
C ALA A 80 12.35 -7.99 0.89
N ALA A 81 12.55 -9.22 1.38
CA ALA A 81 11.43 -10.05 1.83
C ALA A 81 10.90 -9.42 3.10
N GLN A 82 9.59 -9.45 3.24
CA GLN A 82 8.92 -9.15 4.49
C GLN A 82 9.27 -10.31 5.40
N GLN A 83 9.40 -10.02 6.68
CA GLN A 83 9.76 -11.04 7.66
C GLN A 83 8.95 -10.87 8.93
N GLY A 84 8.26 -11.93 9.28
CA GLY A 84 7.55 -11.97 10.53
C GLY A 84 6.41 -12.94 10.41
N LEU A 85 5.80 -13.27 11.55
CA LEU A 85 4.74 -14.29 11.62
C LEU A 85 3.43 -13.82 11.06
N ASP A 86 3.13 -12.53 11.28
CA ASP A 86 1.88 -11.92 10.79
C ASP A 86 2.17 -10.53 10.18
N LEU A 87 1.12 -9.85 9.76
CA LEU A 87 1.30 -8.55 9.07
C LEU A 87 1.86 -7.52 10.03
N GLY A 88 1.49 -7.62 11.30
CA GLY A 88 1.99 -6.65 12.27
C GLY A 88 3.49 -6.84 12.50
N GLU A 89 3.92 -8.09 12.68
CA GLU A 89 5.37 -8.38 12.81
C GLU A 89 6.16 -7.94 11.55
N ARG A 90 5.57 -8.19 10.40
CA ARG A 90 6.21 -7.84 9.11
C ARG A 90 6.40 -6.33 9.00
N LYS A 92 6.33 -4.05 11.61
CA LYS A 92 7.25 -3.66 12.68
C LYS A 92 8.70 -3.89 12.30
N HIS A 93 8.97 -5.07 11.75
CA HIS A 93 10.35 -5.40 11.35
C HIS A 93 10.89 -4.52 10.20
N ALA A 94 10.04 -4.23 9.24
CA ALA A 94 10.46 -3.42 8.09
C ALA A 94 10.76 -1.96 8.53
N GLN A 96 11.42 -0.95 11.65
CA GLN A 96 12.52 -1.02 12.60
C GLN A 96 13.82 -1.07 11.86
N LYS A 97 13.85 -1.84 10.79
CA LYS A 97 15.05 -1.97 9.96
C LYS A 97 15.44 -0.66 9.28
N ALA A 98 14.43 0.04 8.80
CA ALA A 98 14.64 1.32 8.10
C ALA A 98 15.22 2.36 9.06
N PHE A 99 14.73 2.36 10.29
CA PHE A 99 15.21 3.29 11.29
C PHE A 99 16.63 2.89 11.67
N ASP A 100 16.87 1.59 11.80
CA ASP A 100 18.24 1.09 12.10
C ASP A 100 19.20 1.50 10.99
N ASP A 101 18.69 1.55 9.77
CA ASP A 101 19.50 1.94 8.61
C ASP A 101 19.83 3.43 8.66
N GLY A 102 19.14 4.15 9.53
CA GLY A 102 19.44 5.58 9.69
C GLY A 102 18.43 6.56 9.14
N TYR A 103 17.28 6.10 8.63
CA TYR A 103 16.25 7.04 8.14
C TYR A 103 15.62 7.81 9.30
N ASP A 104 15.28 9.05 9.04
CA ASP A 104 14.63 9.92 10.02
C ASP A 104 13.12 9.77 10.00
N ARG A 105 12.59 9.59 8.82
CA ARG A 105 11.16 9.52 8.60
C ARG A 105 10.86 8.39 7.64
N VAL A 106 9.89 7.56 8.03
CA VAL A 106 9.53 6.40 7.29
C VAL A 106 8.03 6.22 7.17
N VAL A 107 7.58 5.99 5.94
CA VAL A 107 6.17 5.64 5.72
C VAL A 107 6.09 4.24 5.09
N LEU A 108 5.12 3.47 5.56
CA LEU A 108 4.88 2.13 5.03
C LEU A 108 3.45 2.12 4.45
N GLY A 110 0.61 0.06 1.53
CA GLY A 110 0.25 -1.11 0.74
C GLY A 110 0.11 -0.84 -0.74
N SER A 111 -0.28 -1.87 -1.47
CA SER A 111 -0.27 -1.79 -2.92
C SER A 111 -1.65 -2.03 -3.55
N ASP A 112 -2.69 -1.78 -2.78
CA ASP A 112 -4.09 -2.01 -3.21
C ASP A 112 -4.85 -0.72 -3.50
N ILE A 113 -4.10 0.38 -3.65
CA ILE A 113 -4.64 1.72 -3.85
C ILE A 113 -4.01 2.41 -5.04
N PRO A 114 -4.24 1.84 -6.24
CA PRO A 114 -3.47 2.25 -7.41
C PRO A 114 -3.64 3.68 -7.83
N ASP A 115 -4.75 4.28 -7.47
CA ASP A 115 -5.01 5.68 -7.87
C ASP A 115 -4.59 6.70 -6.81
N TYR A 116 -3.87 6.26 -5.80
CA TYR A 116 -3.55 7.16 -4.73
C TYR A 116 -2.58 8.22 -5.24
N PRO A 117 -2.88 9.50 -5.01
CA PRO A 117 -1.92 10.48 -5.54
C PRO A 117 -0.59 10.53 -4.77
N CYS A 118 0.49 10.40 -5.52
N CYS A 118 0.51 10.39 -5.49
CA CYS A 118 1.83 10.37 -4.96
CA CYS A 118 1.81 10.33 -4.85
C CYS A 118 2.09 11.58 -4.08
C CYS A 118 2.21 11.64 -4.15
N GLU A 119 1.52 12.73 -4.46
CA GLU A 119 1.80 13.97 -3.75
C GLU A 119 1.30 13.84 -2.34
N LEU A 120 0.33 12.96 -2.07
CA LEU A 120 -0.12 12.78 -0.67
C LEU A 120 0.89 12.00 0.18
N VAL A 121 1.64 11.15 -0.48
CA VAL A 121 2.74 10.42 0.18
C VAL A 121 3.85 11.40 0.51
N GLN A 122 4.13 12.28 -0.44
CA GLN A 122 5.08 13.37 -0.19
C GLN A 122 4.57 14.29 0.94
N LYS A 123 3.30 14.61 0.91
CA LYS A 123 2.73 15.43 1.95
C LYS A 123 2.91 14.78 3.33
N ALA A 124 2.61 13.49 3.39
CA ALA A 124 2.80 12.72 4.63
C ALA A 124 4.24 12.82 5.15
N LEU A 125 5.20 12.62 4.26
CA LEU A 125 6.60 12.70 4.63
C LEU A 125 6.96 14.09 5.11
N ASN A 126 6.46 15.10 4.42
CA ASN A 126 6.68 16.47 4.81
C ASN A 126 6.12 16.73 6.21
N ASP A 127 4.89 16.27 6.43
CA ASP A 127 4.17 16.51 7.70
C ASP A 127 4.82 15.77 8.89
N LEU A 128 5.46 14.64 8.62
CA LEU A 128 6.19 13.91 9.67
C LEU A 128 7.36 14.67 10.25
N GLN A 129 7.68 15.81 9.68
CA GLN A 129 8.68 16.64 10.33
C GLN A 129 8.08 17.25 11.56
N HIS A 130 6.75 17.29 11.64
CA HIS A 130 6.08 18.05 12.67
C HIS A 130 5.12 17.25 13.52
N TYR A 131 4.96 16.00 13.16
CA TYR A 131 4.06 15.11 13.84
C TYR A 131 4.84 13.88 14.22
N ASP A 132 4.39 13.15 15.24
CA ASP A 132 5.08 11.92 15.65
C ASP A 132 4.76 10.74 14.72
N ALA A 133 3.54 10.75 14.21
CA ALA A 133 3.02 9.64 13.39
C ALA A 133 2.00 10.12 12.39
N ALA A 134 1.82 9.28 11.37
CA ALA A 134 0.85 9.48 10.33
C ALA A 134 0.12 8.16 10.04
N ILE A 135 -1.14 8.26 9.67
CA ILE A 135 -1.97 7.06 9.39
C ILE A 135 -3.04 7.41 8.36
N GLY A 136 -3.25 6.51 7.40
CA GLY A 136 -4.28 6.71 6.41
C GLY A 136 -5.33 5.63 6.58
N PRO A 137 -6.55 6.06 6.93
CA PRO A 137 -7.68 5.14 7.11
C PRO A 137 -8.18 4.59 5.80
N ALA A 138 -8.43 3.28 5.79
CA ALA A 138 -9.03 2.60 4.65
C ALA A 138 -10.53 2.43 4.92
N PHE A 139 -11.34 2.38 3.87
CA PHE A 139 -12.79 2.16 4.02
C PHE A 139 -13.09 0.85 4.73
N ASP A 140 -12.21 -0.13 4.58
CA ASP A 140 -12.43 -1.50 5.10
C ASP A 140 -12.14 -1.71 6.61
N GLY A 141 -11.69 -0.67 7.28
CA GLY A 141 -11.55 -0.69 8.73
C GLY A 141 -10.12 -0.74 9.22
N GLY A 142 -9.21 -0.90 8.28
CA GLY A 142 -7.79 -0.89 8.59
C GLY A 142 -7.17 0.42 8.13
N TYR A 143 -5.92 0.33 7.73
CA TYR A 143 -5.16 1.50 7.23
C TYR A 143 -4.29 1.13 6.05
N TYR A 144 -4.16 2.07 5.12
CA TYR A 144 -3.42 1.86 3.90
C TYR A 144 -2.01 2.44 3.99
N LEU A 145 -1.80 3.28 5.00
CA LEU A 145 -0.48 3.88 5.26
C LEU A 145 -0.27 4.12 6.77
N ILE A 146 0.95 3.87 7.22
CA ILE A 146 1.37 4.23 8.57
C ILE A 146 2.80 4.79 8.51
N GLY A 147 3.07 5.84 9.25
CA GLY A 147 4.40 6.44 9.30
C GLY A 147 4.78 6.97 10.65
N PHE A 148 6.08 7.04 10.86
CA PHE A 148 6.67 7.57 12.08
C PHE A 148 7.95 8.33 11.82
N ARG A 149 8.24 9.27 12.69
N ARG A 149 8.24 9.21 12.77
CA ARG A 149 9.58 9.87 12.72
CA ARG A 149 9.54 9.84 12.93
C ARG A 149 10.39 9.03 13.73
C ARG A 149 10.39 8.87 13.72
N LYS A 150 11.71 8.89 13.52
CA LYS A 150 12.52 7.91 14.23
C LYS A 150 12.41 8.02 15.75
N ASP A 151 12.47 9.23 16.27
N ASP A 151 12.42 9.26 16.20
CA ASP A 151 12.53 9.40 17.71
CA ASP A 151 12.48 9.60 17.61
C ASP A 151 11.18 9.10 18.38
C ASP A 151 11.13 9.42 18.32
N SER A 152 10.15 8.95 17.54
CA SER A 152 8.78 8.71 18.03
C SER A 152 8.26 7.30 17.72
N PHE A 153 9.11 6.50 17.09
CA PHE A 153 8.67 5.19 16.66
C PHE A 153 8.18 4.39 17.86
N CYS A 154 6.97 3.86 17.69
N CYS A 154 6.94 3.91 17.78
CA CYS A 154 6.28 3.09 18.69
CA CYS A 154 6.36 3.08 18.85
C CYS A 154 5.94 1.72 18.13
C CYS A 154 5.94 1.72 18.28
N PRO A 155 6.89 0.78 18.19
CA PRO A 155 6.61 -0.55 17.58
C PRO A 155 5.43 -1.30 18.22
N ASP A 156 5.16 -0.96 19.47
CA ASP A 156 4.04 -1.54 20.22
C ASP A 156 2.70 -1.36 19.51
N VAL A 157 2.59 -0.37 18.61
CA VAL A 157 1.29 -0.20 17.89
C VAL A 157 1.00 -1.38 16.99
N PHE A 158 1.99 -2.24 16.76
CA PHE A 158 1.77 -3.42 15.89
C PHE A 158 1.45 -4.65 16.74
N ASP A 159 1.55 -4.50 18.04
CA ASP A 159 1.41 -5.63 18.94
C ASP A 159 -0.01 -5.77 19.43
N GLY A 160 -0.47 -7.01 19.43
CA GLY A 160 -1.74 -7.33 20.02
C GLY A 160 -2.90 -6.93 19.14
N ILE A 161 -2.62 -6.70 17.86
CA ILE A 161 -3.72 -6.42 16.93
C ILE A 161 -4.22 -7.77 16.44
N ARG A 162 -5.52 -7.86 16.26
CA ARG A 162 -6.16 -9.08 15.75
C ARG A 162 -6.18 -9.06 14.24
N TRP A 163 -5.04 -9.34 13.61
CA TRP A 163 -4.92 -9.23 12.14
C TRP A 163 -5.96 -10.13 11.50
N GLY A 164 -6.75 -9.55 10.60
CA GLY A 164 -7.79 -10.26 9.86
C GLY A 164 -9.04 -10.66 10.64
N GLU A 165 -9.07 -10.33 11.93
CA GLU A 165 -10.19 -10.75 12.83
C GLU A 165 -11.05 -9.57 13.31
N ALA A 166 -10.65 -8.36 12.87
CA ALA A 166 -11.35 -7.12 13.23
C ALA A 166 -10.92 -5.91 12.39
N ASP A 167 -11.48 -4.75 12.75
CA ASP A 167 -11.11 -3.45 12.16
C ASP A 167 -9.96 -2.94 13.02
N VAL A 168 -8.80 -2.74 12.41
CA VAL A 168 -7.55 -2.48 13.18
C VAL A 168 -7.18 -1.01 13.37
N TYR A 169 -7.82 -0.17 12.59
CA TYR A 169 -7.51 1.26 12.64
C TYR A 169 -7.74 1.92 14.02
N GLN A 170 -8.93 1.72 14.57
CA GLN A 170 -9.28 2.37 15.86
C GLN A 170 -8.38 1.89 16.98
N PRO A 171 -8.23 0.57 17.13
CA PRO A 171 -7.31 0.09 18.17
C PRO A 171 -5.92 0.68 17.98
N THR A 172 -5.54 0.89 16.71
CA THR A 172 -4.20 1.42 16.41
C THR A 172 -4.11 2.88 16.85
N VAL A 173 -5.11 3.67 16.47
CA VAL A 173 -5.10 5.10 16.80
C VAL A 173 -5.21 5.23 18.31
N GLU A 174 -5.86 4.23 18.92
CA GLU A 174 -6.01 4.20 20.39
C GLU A 174 -4.63 3.97 21.04
N LYS A 175 -3.89 2.98 20.56
CA LYS A 175 -2.52 2.72 21.05
C LYS A 175 -1.64 3.93 20.84
N ARG A 177 -2.66 7.11 20.81
CA ARG A 177 -3.11 8.11 21.77
C ARG A 177 -2.53 7.74 23.14
N ARG A 178 -2.63 6.48 23.50
CA ARG A 178 -2.13 6.03 24.80
C ARG A 178 -0.60 6.22 24.88
N ALA A 179 0.05 6.38 23.72
CA ALA A 179 1.52 6.58 23.63
C ALA A 179 1.84 8.07 23.63
N ARG A 180 0.79 8.88 23.71
CA ARG A 180 0.94 10.33 23.71
C ARG A 180 1.58 10.80 22.41
N LEU A 181 1.19 10.18 21.31
CA LEU A 181 1.67 10.63 19.99
C LEU A 181 0.70 11.64 19.35
N GLU A 182 1.29 12.63 18.69
CA GLU A 182 0.58 13.57 17.84
C GLU A 182 0.57 12.97 16.43
N VAL A 183 -0.64 12.68 16.00
CA VAL A 183 -0.89 11.90 14.81
C VAL A 183 -1.56 12.71 13.71
N LEU A 184 -0.96 12.63 12.52
CA LEU A 184 -1.54 13.17 11.31
C LEU A 184 -2.42 12.15 10.63
N GLN A 185 -3.66 12.53 10.40
CA GLN A 185 -4.59 11.64 9.72
C GLN A 185 -4.70 12.04 8.27
N LEU A 186 -4.42 11.11 7.39
N LEU A 186 -4.40 11.10 7.39
CA LEU A 186 -4.48 11.34 5.94
CA LEU A 186 -4.50 11.31 5.95
C LEU A 186 -5.89 11.03 5.50
C LEU A 186 -5.92 11.06 5.51
N PRO A 187 -6.25 11.39 4.26
CA PRO A 187 -7.62 11.14 3.80
C PRO A 187 -8.01 9.68 3.78
N ASP A 188 -9.29 9.41 3.97
CA ASP A 188 -9.77 8.04 3.80
C ASP A 188 -9.61 7.62 2.31
N TRP A 189 -9.29 6.34 2.11
CA TRP A 189 -9.13 5.80 0.76
C TRP A 189 -9.59 4.36 0.70
N ASN A 190 -10.07 3.96 -0.47
CA ASN A 190 -10.53 2.55 -0.71
C ASN A 190 -9.48 1.65 -1.33
N ASP A 191 -9.23 0.55 -0.64
CA ASP A 191 -8.44 -0.56 -1.16
C ASP A 191 -9.30 -1.24 -2.21
N VAL A 192 -8.69 -1.68 -3.30
CA VAL A 192 -9.43 -2.35 -4.35
C VAL A 192 -9.26 -3.87 -4.17
N ASP A 193 -10.31 -4.49 -3.63
CA ASP A 193 -10.36 -5.93 -3.28
C ASP A 193 -11.36 -6.70 -4.15
N THR A 194 -12.56 -6.16 -4.31
CA THR A 194 -13.65 -6.88 -4.97
C THR A 194 -13.98 -6.26 -6.32
N VAL A 195 -14.83 -6.95 -7.09
CA VAL A 195 -15.22 -6.43 -8.39
C VAL A 195 -15.98 -5.10 -8.20
N TRP A 196 -16.66 -4.97 -7.06
CA TRP A 196 -17.42 -3.76 -6.78
C TRP A 196 -16.43 -2.59 -6.61
N ASP A 197 -15.37 -2.83 -5.84
CA ASP A 197 -14.33 -1.83 -5.64
C ASP A 197 -13.70 -1.44 -6.99
N LEU A 198 -13.51 -2.44 -7.86
CA LEU A 198 -12.91 -2.22 -9.19
C LEU A 198 -13.83 -1.34 -10.06
N ASN A 199 -15.12 -1.62 -9.97
CA ASN A 199 -16.13 -0.83 -10.70
C ASN A 199 -16.09 0.65 -10.27
N VAL A 200 -15.99 0.89 -8.97
CA VAL A 200 -15.91 2.27 -8.43
C VAL A 200 -14.61 2.92 -8.85
N LEU A 201 -13.51 2.17 -8.78
CA LEU A 201 -12.18 2.67 -9.19
C LEU A 201 -12.29 3.20 -10.62
N TYR A 202 -12.92 2.39 -11.45
CA TYR A 202 -13.09 2.68 -12.90
C TYR A 202 -13.98 3.87 -13.14
N ARG A 203 -15.13 3.91 -12.50
CA ARG A 203 -16.10 4.90 -12.85
C ARG A 203 -15.83 6.29 -12.26
N THR A 204 -15.11 6.34 -11.16
CA THR A 204 -14.80 7.63 -10.51
C THR A 204 -13.46 8.23 -10.97
N ASN A 205 -12.68 7.53 -11.77
CA ASN A 205 -11.41 8.10 -12.24
C ASN A 205 -11.43 8.54 -13.69
N LYS A 206 -12.61 8.48 -14.31
CA LYS A 206 -12.79 9.15 -15.58
C LYS A 206 -12.52 10.63 -15.25
N ASN A 207 -11.65 11.23 -16.04
CA ASN A 207 -11.33 12.64 -15.91
C ASN A 207 -10.31 12.98 -14.79
N SER A 208 -9.67 11.99 -14.15
CA SER A 208 -8.51 12.32 -13.26
C SER A 208 -7.24 11.78 -13.91
N SER A 209 -6.07 12.06 -13.34
CA SER A 209 -4.81 11.64 -13.99
C SER A 209 -4.58 10.11 -13.96
N PHE A 210 -5.34 9.42 -13.12
CA PHE A 210 -5.29 7.96 -13.12
C PHE A 210 -5.77 7.41 -14.46
N ARG A 211 -6.56 8.22 -15.17
CA ARG A 211 -7.03 7.86 -16.53
C ARG A 211 -5.89 7.55 -17.52
N ARG A 212 -4.70 8.08 -17.28
CA ARG A 212 -3.54 7.82 -18.16
C ARG A 212 -2.69 6.65 -17.73
N SER A 213 -3.10 5.95 -16.68
CA SER A 213 -2.34 4.82 -16.17
C SER A 213 -2.56 3.54 -16.98
N SER A 214 -1.61 2.62 -16.82
CA SER A 214 -1.67 1.31 -17.48
C SER A 214 -2.81 0.52 -16.86
N THR A 215 -3.03 0.68 -15.56
CA THR A 215 -4.18 0.07 -14.91
C THR A 215 -5.48 0.52 -15.58
N TYR A 216 -5.66 1.84 -15.71
CA TYR A 216 -6.90 2.35 -16.29
C TYR A 216 -7.08 1.86 -17.73
N ALA A 217 -5.97 1.79 -18.49
CA ALA A 217 -6.06 1.23 -19.85
C ALA A 217 -6.65 -0.19 -19.83
N LEU A 218 -6.20 -1.03 -18.91
N LEU A 218 -6.20 -1.03 -18.91
CA LEU A 218 -6.77 -2.35 -18.69
CA LEU A 218 -6.76 -2.34 -18.70
C LEU A 218 -8.24 -2.35 -18.35
C LEU A 218 -8.23 -2.36 -18.34
N LEU A 219 -8.64 -1.44 -17.51
CA LEU A 219 -10.04 -1.31 -17.11
C LEU A 219 -10.92 -0.96 -18.29
N ARG A 220 -10.45 -0.03 -19.13
CA ARG A 220 -11.16 0.42 -20.32
C ARG A 220 -11.36 -0.76 -21.29
N GLU A 221 -10.31 -1.58 -21.43
N GLU A 221 -10.33 -1.60 -21.40
CA GLU A 221 -10.39 -2.80 -22.26
CA GLU A 221 -10.41 -2.79 -22.26
C GLU A 221 -11.46 -3.73 -21.72
C GLU A 221 -11.45 -3.76 -21.71
N ASN A 222 -11.63 -3.69 -20.40
CA ASN A 222 -12.59 -4.57 -19.71
C ASN A 222 -13.90 -3.87 -19.40
N ASP A 223 -14.18 -2.82 -20.17
CA ASP A 223 -15.38 -2.00 -19.96
C ASP A 223 -16.68 -2.83 -19.86
N ALA A 224 -16.88 -3.72 -20.83
CA ALA A 224 -18.09 -4.49 -20.95
C ALA A 224 -18.29 -5.45 -19.79
N LEU A 225 -17.17 -5.85 -19.20
CA LEU A 225 -17.17 -6.75 -18.04
C LEU A 225 -17.43 -5.95 -16.75
N ILE A 226 -16.64 -4.92 -16.54
CA ILE A 226 -16.73 -4.10 -15.32
C ILE A 226 -18.07 -3.43 -15.11
N ARG A 227 -18.67 -2.95 -16.20
CA ARG A 227 -19.98 -2.29 -16.15
C ARG A 227 -21.20 -3.22 -15.88
N GLN A 228 -20.94 -4.52 -15.76
CA GLN A 228 -21.95 -5.49 -15.37
C GLN A 228 -21.99 -5.61 -13.84
N TYR A 229 -21.13 -4.84 -13.17
CA TYR A 229 -21.05 -4.85 -11.68
C TYR A 229 -21.16 -3.44 -11.14
N ASP A 230 -22.03 -2.65 -11.76
CA ASP A 230 -22.23 -1.28 -11.30
C ASP A 230 -22.87 -1.26 -9.92
N ILE A 231 -22.36 -0.42 -9.05
CA ILE A 231 -23.01 -0.18 -7.79
C ILE A 231 -23.42 1.29 -7.83
N ASP A 232 -24.60 1.57 -7.29
CA ASP A 232 -25.10 2.95 -7.15
C ASP A 232 -24.14 3.78 -6.30
#